data_4N5P
#
_entry.id   4N5P
#
_cell.length_a   92.491
_cell.length_b   92.491
_cell.length_c   130.891
_cell.angle_alpha   90.00
_cell.angle_beta   90.00
_cell.angle_gamma   120.00
#
_symmetry.space_group_name_H-M   'P 61 2 2'
#
loop_
_entity.id
_entity.type
_entity.pdbx_description
1 polymer Thermolysin
2 non-polymer 'CALCIUM ION'
3 non-polymer 'ZINC ION'
4 non-polymer GLYCEROL
5 non-polymer 'DIMETHYL SULFOXIDE'
6 non-polymer 'P-((((benzyloxy)carbonyl)amino)methyl)-N-((S)-1-(isopentylamino)-4-methyl-1-oxopentan-2-yl)phosphonamidic acid'
7 water water
#
_entity_poly.entity_id   1
_entity_poly.type   'polypeptide(L)'
_entity_poly.pdbx_seq_one_letter_code
;ITGTSTVGVGRGVLGDQKNINTTYSTYYYLQDNTRGNGIFTYDAKYRTTLPGSLWADADNQFFASYDAPAVDAHYYAGVT
YDYYKNVHNRLSYDGNNAAIRSSVHYSQGYNNAFWNGSQMVYGDGDGQTFIPLSGGIDVVAHELTHAVTDYTAGLIYQNE
SGAINEAISDIFGTLVEFYANKNPDWEIGEDVYTPGISGDSLRSMSDPAKYGDPDHYSKRYTGTQDNGGVHINSGIINKA
AYLISQGGTHYGVSVVGIGRDKLGKIFYRALTQYLTPTSNFSQLRAAAVQSATDLYGSTSQEVASVKQAFDAVGVK
;
_entity_poly.pdbx_strand_id   E
#
loop_
_chem_comp.id
_chem_comp.type
_chem_comp.name
_chem_comp.formula
2H0 peptide-like 'P-((((benzyloxy)carbonyl)amino)methyl)-N-((S)-1-(isopentylamino)-4-methyl-1-oxopentan-2-yl)phosphonamidic acid' 'C20 H34 N3 O5 P'
CA non-polymer 'CALCIUM ION' 'Ca 2'
DMS non-polymer 'DIMETHYL SULFOXIDE' 'C2 H6 O S'
GOL non-polymer GLYCEROL 'C3 H8 O3'
ZN non-polymer 'ZINC ION' 'Zn 2'
#
# COMPACT_ATOMS: atom_id res chain seq x y z
N ILE A 1 23.34 6.19 8.99
N ILE A 1 23.22 6.21 9.09
CA ILE A 1 24.73 6.62 9.11
CA ILE A 1 24.58 6.60 9.36
C ILE A 1 24.81 8.13 9.23
C ILE A 1 24.72 8.13 9.40
N THR A 2 25.85 8.61 9.90
CA THR A 2 26.08 10.03 10.01
C THR A 2 26.74 10.55 8.73
N GLY A 3 26.16 11.59 8.15
CA GLY A 3 26.70 12.13 6.92
C GLY A 3 25.94 13.37 6.54
N THR A 4 26.10 13.80 5.29
CA THR A 4 25.39 15.00 4.85
C THR A 4 24.35 14.62 3.81
N SER A 5 23.22 15.32 3.84
CA SER A 5 22.13 15.02 2.93
C SER A 5 22.46 15.44 1.51
N THR A 6 22.18 14.54 0.57
CA THR A 6 22.54 14.73 -0.82
C THR A 6 21.35 14.34 -1.69
N VAL A 7 21.44 14.63 -3.00
CA VAL A 7 20.36 14.28 -3.92
C VAL A 7 20.97 13.52 -5.09
N GLY A 8 20.62 12.24 -5.18
CA GLY A 8 21.04 11.42 -6.29
C GLY A 8 19.99 11.36 -7.38
N VAL A 9 20.33 10.70 -8.47
N VAL A 9 20.35 10.72 -8.48
CA VAL A 9 19.41 10.56 -9.58
CA VAL A 9 19.45 10.58 -9.62
C VAL A 9 19.53 9.14 -10.11
C VAL A 9 19.55 9.14 -10.12
N GLY A 10 18.41 8.58 -10.55
CA GLY A 10 18.43 7.23 -11.05
C GLY A 10 17.20 6.89 -11.84
N ARG A 11 17.09 5.63 -12.23
N ARG A 11 17.06 5.61 -12.13
CA ARG A 11 15.92 5.16 -12.94
CA ARG A 11 15.98 5.10 -12.94
C ARG A 11 15.26 4.03 -12.16
C ARG A 11 15.26 3.99 -12.17
N GLY A 12 13.94 4.05 -12.13
CA GLY A 12 13.16 3.03 -11.45
C GLY A 12 12.90 1.81 -12.31
N VAL A 13 12.13 0.88 -11.77
CA VAL A 13 11.83 -0.39 -12.41
C VAL A 13 11.20 -0.23 -13.80
N LEU A 14 10.37 0.79 -13.96
N LEU A 14 10.36 0.78 -13.96
CA LEU A 14 9.69 1.03 -15.23
CA LEU A 14 9.70 1.01 -15.25
C LEU A 14 10.46 1.96 -16.16
C LEU A 14 10.49 1.89 -16.21
N GLY A 15 11.71 2.27 -15.80
CA GLY A 15 12.58 3.04 -16.68
C GLY A 15 12.46 4.55 -16.57
N ASP A 16 11.74 5.02 -15.57
CA ASP A 16 11.53 6.45 -15.36
C ASP A 16 12.61 7.05 -14.48
N GLN A 17 13.07 8.25 -14.85
CA GLN A 17 14.12 8.92 -14.08
C GLN A 17 13.52 9.66 -12.90
N LYS A 18 14.16 9.56 -11.74
CA LYS A 18 13.72 10.36 -10.59
C LYS A 18 14.90 10.72 -9.71
N ASN A 19 14.73 11.80 -8.95
CA ASN A 19 15.69 12.18 -7.93
C ASN A 19 15.39 11.45 -6.64
N ILE A 20 16.45 11.09 -5.91
N ILE A 20 16.44 11.09 -5.90
CA ILE A 20 16.30 10.43 -4.62
CA ILE A 20 16.26 10.45 -4.60
C ILE A 20 17.16 11.12 -3.56
C ILE A 20 17.16 11.09 -3.55
N ASN A 21 16.64 11.15 -2.33
CA ASN A 21 17.38 11.69 -1.21
C ASN A 21 18.35 10.66 -0.66
N THR A 22 19.64 11.04 -0.64
CA THR A 22 20.68 10.14 -0.21
C THR A 22 21.50 10.80 0.90
N THR A 23 22.47 10.06 1.44
CA THR A 23 23.37 10.57 2.47
C THR A 23 24.79 10.26 2.07
N TYR A 24 25.68 11.24 2.11
CA TYR A 24 27.06 11.02 1.75
C TYR A 24 27.95 10.91 2.97
N SER A 25 28.69 9.80 3.03
CA SER A 25 29.77 9.60 3.96
C SER A 25 30.62 8.48 3.37
N THR A 26 31.66 8.87 2.63
CA THR A 26 32.49 7.97 1.81
C THR A 26 31.73 7.42 0.60
N TYR A 27 30.63 6.71 0.87
CA TYR A 27 29.67 6.32 -0.15
C TYR A 27 28.43 7.19 -0.08
N TYR A 28 27.62 7.13 -1.13
CA TYR A 28 26.28 7.67 -1.12
C TYR A 28 25.32 6.55 -0.76
N TYR A 29 24.57 6.74 0.33
CA TYR A 29 23.67 5.73 0.83
C TYR A 29 22.23 6.09 0.56
N LEU A 30 21.39 5.07 0.35
CA LEU A 30 19.94 5.31 0.26
C LEU A 30 19.39 5.54 1.65
N GLN A 31 19.61 6.77 2.12
CA GLN A 31 19.17 7.23 3.42
C GLN A 31 18.67 8.65 3.20
N ASP A 32 17.35 8.81 3.30
CA ASP A 32 16.67 10.08 3.10
C ASP A 32 16.44 10.73 4.47
N ASN A 33 17.18 11.81 4.75
CA ASN A 33 17.06 12.48 6.04
C ASN A 33 15.98 13.54 6.07
N THR A 34 15.31 13.75 4.95
CA THR A 34 14.35 14.86 4.83
C THR A 34 13.00 14.53 5.42
N ARG A 35 12.77 13.26 5.76
CA ARG A 35 11.48 12.81 6.22
C ARG A 35 11.63 12.09 7.56
N GLY A 36 11.02 12.66 8.59
CA GLY A 36 11.01 12.04 9.91
C GLY A 36 12.40 11.71 10.41
N ASN A 37 12.56 10.51 10.94
CA ASN A 37 13.86 10.04 11.38
C ASN A 37 14.52 9.15 10.33
N GLY A 38 14.15 9.38 9.09
CA GLY A 38 14.83 8.81 7.95
C GLY A 38 14.06 7.70 7.25
N ILE A 39 14.37 7.56 5.97
CA ILE A 39 13.93 6.43 5.16
C ILE A 39 15.22 5.76 4.68
N PHE A 40 15.32 4.46 4.94
CA PHE A 40 16.54 3.68 4.71
C PHE A 40 16.21 2.50 3.82
N THR A 41 16.99 2.32 2.75
CA THR A 41 16.76 1.21 1.82
C THR A 41 18.01 0.34 1.76
N TYR A 42 17.77 -0.98 1.82
CA TYR A 42 18.79 -1.99 1.99
C TYR A 42 18.82 -2.99 0.84
N ASP A 43 19.99 -3.58 0.62
CA ASP A 43 20.19 -4.62 -0.38
C ASP A 43 20.18 -5.99 0.33
N ALA A 44 19.18 -6.82 0.03
CA ALA A 44 19.15 -8.19 0.55
C ALA A 44 19.93 -9.18 -0.32
N LYS A 45 20.41 -8.75 -1.48
CA LYS A 45 21.41 -9.50 -2.27
C LYS A 45 20.96 -10.91 -2.66
N TYR A 46 19.67 -11.05 -2.94
CA TYR A 46 19.04 -12.30 -3.34
C TYR A 46 18.92 -13.32 -2.22
N ARG A 47 19.28 -12.93 -1.00
CA ARG A 47 19.16 -13.82 0.14
C ARG A 47 17.97 -13.42 1.01
N THR A 48 17.81 -14.12 2.13
CA THR A 48 16.64 -13.94 2.96
C THR A 48 16.96 -13.43 4.36
N THR A 49 18.22 -13.12 4.60
N THR A 49 18.23 -13.14 4.59
CA THR A 49 18.63 -12.52 5.87
CA THR A 49 18.66 -12.47 5.81
C THR A 49 18.42 -11.00 5.82
C THR A 49 18.24 -11.01 5.71
N LEU A 50 17.67 -10.48 6.80
CA LEU A 50 17.19 -9.10 6.78
C LEU A 50 17.80 -8.29 7.91
N PRO A 51 18.02 -6.99 7.67
CA PRO A 51 17.65 -6.25 6.45
C PRO A 51 18.64 -6.39 5.29
N GLY A 52 19.83 -6.92 5.53
CA GLY A 52 20.87 -6.87 4.53
C GLY A 52 21.70 -5.62 4.79
N SER A 53 22.35 -5.09 3.76
N SER A 53 22.29 -5.07 3.74
CA SER A 53 23.24 -3.95 3.97
CA SER A 53 23.20 -3.95 3.88
C SER A 53 22.64 -2.66 3.43
C SER A 53 22.56 -2.65 3.44
N LEU A 54 22.80 -1.57 4.19
CA LEU A 54 22.31 -0.27 3.77
C LEU A 54 22.86 0.03 2.39
N TRP A 55 21.99 0.43 1.46
CA TRP A 55 22.40 0.52 0.06
C TRP A 55 23.47 1.59 -0.14
N ALA A 56 24.64 1.17 -0.62
CA ALA A 56 25.77 2.05 -0.83
C ALA A 56 26.09 2.15 -2.31
N ASP A 57 26.39 3.36 -2.77
CA ASP A 57 26.68 3.63 -4.17
C ASP A 57 27.84 4.61 -4.28
N ALA A 58 28.76 4.36 -5.20
CA ALA A 58 29.97 5.16 -5.28
C ALA A 58 29.74 6.59 -5.78
N ASP A 59 28.79 6.80 -6.69
CA ASP A 59 28.72 8.08 -7.40
C ASP A 59 27.39 8.83 -7.33
N ASN A 60 26.42 8.31 -6.57
CA ASN A 60 25.12 8.98 -6.42
C ASN A 60 24.25 8.93 -7.68
N GLN A 61 24.61 8.06 -8.61
N GLN A 61 24.61 8.07 -8.62
CA GLN A 61 23.84 7.83 -9.83
CA GLN A 61 23.83 7.84 -9.83
C GLN A 61 23.34 6.40 -9.79
C GLN A 61 23.34 6.40 -9.79
N PHE A 62 22.05 6.20 -10.01
CA PHE A 62 21.42 4.90 -9.80
C PHE A 62 20.70 4.43 -11.06
N PHE A 63 21.47 4.24 -12.13
CA PHE A 63 20.92 3.87 -13.43
C PHE A 63 21.17 2.40 -13.82
N ALA A 64 21.83 1.64 -12.95
CA ALA A 64 22.06 0.23 -13.26
C ALA A 64 20.76 -0.54 -13.07
N SER A 65 20.59 -1.62 -13.83
N SER A 65 20.60 -1.63 -13.82
N SER A 65 20.60 -1.63 -13.82
CA SER A 65 19.41 -2.46 -13.68
CA SER A 65 19.41 -2.47 -13.69
CA SER A 65 19.39 -2.45 -13.68
C SER A 65 19.25 -2.90 -12.23
C SER A 65 19.24 -2.98 -12.25
C SER A 65 19.24 -2.98 -12.24
N TYR A 66 20.36 -3.29 -11.60
CA TYR A 66 20.33 -3.78 -10.22
C TYR A 66 19.83 -2.69 -9.24
N ASP A 67 20.02 -1.41 -9.61
CA ASP A 67 19.62 -0.29 -8.76
C ASP A 67 18.10 -0.03 -8.78
N ALA A 68 17.44 -0.41 -9.88
CA ALA A 68 16.06 0.05 -10.11
C ALA A 68 15.07 -0.27 -8.99
N PRO A 69 15.08 -1.51 -8.45
CA PRO A 69 14.11 -1.77 -7.37
C PRO A 69 14.39 -0.93 -6.12
N ALA A 70 15.66 -0.62 -5.88
CA ALA A 70 16.02 0.18 -4.72
C ALA A 70 15.56 1.63 -4.88
N VAL A 71 15.78 2.18 -6.08
CA VAL A 71 15.34 3.53 -6.40
C VAL A 71 13.84 3.68 -6.09
N ASP A 72 13.04 2.74 -6.57
CA ASP A 72 11.59 2.84 -6.39
C ASP A 72 11.13 2.56 -4.96
N ALA A 73 11.73 1.58 -4.28
CA ALA A 73 11.35 1.35 -2.89
C ALA A 73 11.59 2.62 -2.07
N HIS A 74 12.73 3.25 -2.33
CA HIS A 74 13.15 4.42 -1.57
C HIS A 74 12.24 5.61 -1.89
N TYR A 75 12.05 5.86 -3.18
CA TYR A 75 11.27 7.01 -3.62
C TYR A 75 9.79 6.87 -3.24
N TYR A 76 9.20 5.69 -3.46
CA TYR A 76 7.80 5.52 -3.15
C TYR A 76 7.53 5.48 -1.64
N ALA A 77 8.50 5.05 -0.84
CA ALA A 77 8.36 5.19 0.60
C ALA A 77 8.26 6.67 0.97
N GLY A 78 9.02 7.52 0.30
CA GLY A 78 8.95 8.96 0.51
C GLY A 78 7.58 9.52 0.15
N VAL A 79 7.03 9.10 -0.98
CA VAL A 79 5.70 9.57 -1.37
C VAL A 79 4.66 9.13 -0.34
N THR A 80 4.77 7.90 0.14
CA THR A 80 3.81 7.37 1.10
C THR A 80 3.92 8.13 2.43
N TYR A 81 5.14 8.41 2.87
CA TYR A 81 5.36 9.23 4.05
C TYR A 81 4.66 10.59 3.89
N ASP A 82 4.86 11.21 2.72
CA ASP A 82 4.28 12.52 2.46
C ASP A 82 2.75 12.46 2.49
N TYR A 83 2.17 11.41 1.91
CA TYR A 83 0.72 11.25 1.94
C TYR A 83 0.22 11.24 3.39
N TYR A 84 0.79 10.35 4.21
CA TYR A 84 0.29 10.26 5.58
C TYR A 84 0.49 11.56 6.37
N LYS A 85 1.63 12.22 6.18
CA LYS A 85 1.89 13.47 6.89
C LYS A 85 0.98 14.60 6.41
N ASN A 86 0.93 14.80 5.09
CA ASN A 86 0.22 15.94 4.53
C ASN A 86 -1.29 15.79 4.56
N VAL A 87 -1.77 14.56 4.38
CA VAL A 87 -3.20 14.33 4.29
C VAL A 87 -3.82 13.99 5.64
N HIS A 88 -3.10 13.21 6.46
CA HIS A 88 -3.67 12.74 7.72
C HIS A 88 -2.95 13.22 8.97
N ASN A 89 -1.95 14.10 8.80
CA ASN A 89 -1.16 14.59 9.92
C ASN A 89 -0.57 13.44 10.74
N ARG A 90 -0.16 12.38 10.06
CA ARG A 90 0.47 11.25 10.73
C ARG A 90 1.94 11.21 10.35
N LEU A 91 2.79 11.14 11.36
CA LEU A 91 4.24 11.17 11.17
C LEU A 91 4.79 9.74 11.19
N SER A 92 5.05 9.20 9.99
CA SER A 92 5.48 7.82 9.82
C SER A 92 4.44 6.81 10.32
N TYR A 93 4.82 5.53 10.32
CA TYR A 93 3.84 4.49 10.60
C TYR A 93 3.41 4.43 12.06
N ASP A 94 4.30 4.85 12.97
CA ASP A 94 3.99 4.82 14.39
C ASP A 94 3.43 6.15 14.91
N GLY A 95 3.34 7.17 14.06
CA GLY A 95 2.86 8.47 14.48
C GLY A 95 3.93 9.30 15.19
N ASN A 96 5.14 8.75 15.33
CA ASN A 96 6.24 9.44 16.01
C ASN A 96 7.52 9.43 15.17
N ASN A 97 7.35 9.41 13.86
CA ASN A 97 8.48 9.51 12.94
C ASN A 97 9.47 8.34 13.03
N ALA A 98 8.98 7.14 13.29
CA ALA A 98 9.85 5.96 13.22
C ALA A 98 10.59 5.91 11.89
N ALA A 99 11.86 5.52 11.93
CA ALA A 99 12.63 5.26 10.72
C ALA A 99 11.93 4.22 9.87
N ILE A 100 11.85 4.46 8.57
CA ILE A 100 11.21 3.53 7.64
C ILE A 100 12.29 2.76 6.89
N ARG A 101 12.26 1.43 7.02
CA ARG A 101 13.29 0.58 6.42
C ARG A 101 12.67 -0.37 5.41
N SER A 102 13.33 -0.51 4.26
CA SER A 102 12.92 -1.44 3.20
C SER A 102 14.11 -2.22 2.71
N SER A 103 13.92 -3.49 2.38
CA SER A 103 14.94 -4.27 1.69
C SER A 103 14.42 -4.72 0.34
N VAL A 104 15.28 -4.63 -0.68
CA VAL A 104 14.95 -5.10 -2.02
C VAL A 104 15.89 -6.24 -2.41
N HIS A 105 15.62 -6.87 -3.55
CA HIS A 105 16.34 -8.07 -3.97
C HIS A 105 16.23 -9.16 -2.92
N TYR A 106 15.06 -9.29 -2.31
CA TYR A 106 14.83 -10.36 -1.35
C TYR A 106 14.63 -11.70 -2.05
N SER A 107 15.44 -12.69 -1.67
CA SER A 107 15.33 -14.05 -2.19
C SER A 107 15.54 -14.08 -3.72
N GLN A 108 15.12 -15.17 -4.35
CA GLN A 108 15.26 -15.36 -5.79
C GLN A 108 13.90 -15.65 -6.41
N GLY A 109 13.56 -14.93 -7.47
CA GLY A 109 12.31 -15.11 -8.16
C GLY A 109 11.09 -14.95 -7.26
N TYR A 110 11.20 -14.04 -6.31
CA TYR A 110 10.23 -13.97 -5.21
C TYR A 110 9.02 -13.12 -5.59
N ASN A 111 7.86 -13.78 -5.76
CA ASN A 111 6.65 -13.15 -6.25
C ASN A 111 5.79 -12.58 -5.12
N ASN A 112 6.38 -11.72 -4.30
CA ASN A 112 5.62 -11.13 -3.20
C ASN A 112 6.40 -9.99 -2.57
N ALA A 113 5.72 -9.30 -1.66
CA ALA A 113 6.32 -8.24 -0.86
C ALA A 113 5.57 -8.28 0.47
N PHE A 114 6.19 -7.82 1.56
CA PHE A 114 5.54 -7.92 2.86
C PHE A 114 6.14 -6.96 3.87
N TRP A 115 5.41 -6.75 4.95
CA TRP A 115 5.91 -6.09 6.15
C TRP A 115 6.21 -7.21 7.16
N ASN A 116 7.43 -7.29 7.66
CA ASN A 116 7.81 -8.43 8.49
C ASN A 116 7.65 -8.21 9.99
N GLY A 117 6.94 -7.13 10.35
CA GLY A 117 6.80 -6.71 11.73
C GLY A 117 7.70 -5.53 12.06
N SER A 118 8.72 -5.30 11.24
CA SER A 118 9.71 -4.26 11.49
C SER A 118 10.13 -3.45 10.26
N GLN A 119 9.90 -4.00 9.06
CA GLN A 119 10.40 -3.37 7.84
C GLN A 119 9.63 -3.90 6.64
N MET A 120 9.74 -3.18 5.52
CA MET A 120 9.21 -3.66 4.24
C MET A 120 10.23 -4.52 3.51
N VAL A 121 9.73 -5.48 2.76
CA VAL A 121 10.56 -6.45 2.06
C VAL A 121 9.96 -6.67 0.67
N TYR A 122 10.80 -6.56 -0.37
CA TYR A 122 10.33 -6.70 -1.75
C TYR A 122 11.09 -7.76 -2.52
N GLY A 123 10.36 -8.71 -3.08
CA GLY A 123 10.94 -9.61 -4.05
C GLY A 123 11.20 -8.94 -5.39
N ASP A 124 11.98 -9.61 -6.23
CA ASP A 124 12.20 -9.17 -7.60
C ASP A 124 11.19 -9.74 -8.57
N GLY A 125 10.37 -10.69 -8.11
CA GLY A 125 9.50 -11.43 -8.99
C GLY A 125 10.29 -12.41 -9.84
N ASP A 126 9.58 -13.27 -10.55
CA ASP A 126 10.24 -14.23 -11.43
C ASP A 126 10.27 -13.78 -12.89
N GLY A 127 9.82 -12.56 -13.15
CA GLY A 127 9.78 -12.05 -14.50
C GLY A 127 8.55 -12.48 -15.31
N GLN A 128 7.76 -13.38 -14.73
N GLN A 128 7.74 -13.35 -14.72
CA GLN A 128 6.55 -13.85 -15.38
CA GLN A 128 6.55 -13.86 -15.39
C GLN A 128 5.32 -13.35 -14.65
C GLN A 128 5.30 -13.40 -14.66
N THR A 129 5.20 -13.70 -13.37
CA THR A 129 4.09 -13.25 -12.55
C THR A 129 4.31 -11.80 -12.09
N PHE A 130 5.54 -11.47 -11.69
CA PHE A 130 5.89 -10.11 -11.29
C PHE A 130 7.25 -9.71 -11.84
N ILE A 131 7.42 -8.40 -12.04
CA ILE A 131 8.73 -7.75 -12.08
C ILE A 131 8.97 -7.16 -10.67
N PRO A 132 10.14 -6.55 -10.40
CA PRO A 132 10.40 -6.18 -9.00
C PRO A 132 9.28 -5.33 -8.39
N LEU A 133 8.78 -5.77 -7.24
CA LEU A 133 7.47 -5.33 -6.79
C LEU A 133 7.44 -3.89 -6.29
N SER A 134 8.60 -3.34 -5.93
CA SER A 134 8.67 -1.95 -5.52
C SER A 134 8.40 -0.98 -6.68
N GLY A 135 8.32 -1.50 -7.91
CA GLY A 135 7.97 -0.66 -9.03
C GLY A 135 6.52 -0.17 -9.01
N GLY A 136 5.70 -0.73 -8.12
CA GLY A 136 4.32 -0.28 -8.00
C GLY A 136 4.14 0.62 -6.80
N ILE A 137 3.75 1.86 -7.03
CA ILE A 137 3.53 2.77 -5.90
C ILE A 137 2.40 2.26 -5.00
N ASP A 138 1.36 1.68 -5.59
CA ASP A 138 0.30 1.09 -4.77
C ASP A 138 0.81 -0.05 -3.91
N VAL A 139 1.76 -0.82 -4.44
CA VAL A 139 2.37 -1.93 -3.70
C VAL A 139 3.17 -1.40 -2.50
N VAL A 140 4.03 -0.41 -2.75
CA VAL A 140 4.82 0.16 -1.67
C VAL A 140 3.92 0.74 -0.59
N ALA A 141 2.91 1.50 -0.99
CA ALA A 141 2.00 2.08 -0.02
C ALA A 141 1.16 1.01 0.70
N HIS A 142 0.79 -0.06 -0.01
CA HIS A 142 0.13 -1.21 0.60
C HIS A 142 0.99 -1.76 1.75
N GLU A 143 2.28 -1.95 1.48
CA GLU A 143 3.16 -2.52 2.51
C GLU A 143 3.34 -1.58 3.70
N LEU A 144 3.58 -0.30 3.45
CA LEU A 144 3.78 0.62 4.56
C LEU A 144 2.48 0.75 5.37
N THR A 145 1.36 0.62 4.69
CA THR A 145 0.08 0.70 5.39
C THR A 145 -0.11 -0.48 6.36
N HIS A 146 0.46 -1.64 6.06
CA HIS A 146 0.44 -2.73 7.04
C HIS A 146 1.07 -2.28 8.36
N ALA A 147 2.17 -1.54 8.28
CA ALA A 147 2.82 -1.02 9.50
C ALA A 147 1.89 -0.06 10.23
N VAL A 148 1.21 0.81 9.49
CA VAL A 148 0.25 1.74 10.09
C VAL A 148 -0.85 0.97 10.81
N THR A 149 -1.42 -0.02 10.13
CA THR A 149 -2.44 -0.85 10.75
C THR A 149 -1.92 -1.52 12.02
N ASP A 150 -0.72 -2.09 11.96
CA ASP A 150 -0.20 -2.81 13.10
C ASP A 150 0.01 -1.91 14.32
N TYR A 151 0.33 -0.64 14.08
CA TYR A 151 0.53 0.32 15.16
C TYR A 151 -0.77 0.93 15.66
N THR A 152 -1.88 0.73 14.94
CA THR A 152 -3.14 1.39 15.27
C THR A 152 -4.19 0.34 15.59
N ALA A 153 -5.08 0.02 14.65
CA ALA A 153 -6.13 -0.95 14.92
C ALA A 153 -5.59 -2.32 15.33
N GLY A 154 -4.49 -2.73 14.73
CA GLY A 154 -3.86 -3.99 15.07
C GLY A 154 -4.64 -5.21 14.59
N LEU A 155 -5.41 -5.04 13.51
CA LEU A 155 -6.24 -6.11 12.95
C LEU A 155 -5.48 -7.41 12.77
N ILE A 156 -5.94 -8.45 13.44
CA ILE A 156 -5.34 -9.78 13.39
C ILE A 156 -5.39 -10.30 11.95
N TYR A 157 -4.31 -10.90 11.48
CA TYR A 157 -4.19 -11.24 10.06
C TYR A 157 -4.82 -12.59 9.70
N GLN A 158 -6.11 -12.72 9.95
CA GLN A 158 -6.85 -13.92 9.54
C GLN A 158 -8.33 -13.60 9.52
N ASN A 159 -9.06 -14.34 8.69
CA ASN A 159 -10.51 -14.25 8.63
C ASN A 159 -10.98 -12.81 8.40
N GLU A 160 -12.08 -12.37 9.01
CA GLU A 160 -12.61 -11.06 8.64
C GLU A 160 -11.69 -9.90 9.02
N SER A 161 -11.12 -9.94 10.22
CA SER A 161 -10.22 -8.86 10.61
C SER A 161 -9.03 -8.78 9.65
N GLY A 162 -8.57 -9.94 9.18
CA GLY A 162 -7.44 -9.98 8.25
C GLY A 162 -7.81 -9.46 6.86
N ALA A 163 -9.04 -9.75 6.43
CA ALA A 163 -9.53 -9.19 5.17
C ALA A 163 -9.70 -7.67 5.26
N ILE A 164 -10.11 -7.15 6.43
CA ILE A 164 -10.13 -5.71 6.62
C ILE A 164 -8.71 -5.14 6.57
N ASN A 165 -7.78 -5.80 7.25
CA ASN A 165 -6.38 -5.42 7.24
C ASN A 165 -5.90 -5.28 5.77
N GLU A 166 -6.16 -6.30 4.97
CA GLU A 166 -5.78 -6.29 3.56
C GLU A 166 -6.45 -5.14 2.80
N ALA A 167 -7.76 -4.97 2.98
CA ALA A 167 -8.46 -3.92 2.27
C ALA A 167 -7.94 -2.54 2.65
N ILE A 168 -7.62 -2.33 3.93
CA ILE A 168 -7.04 -1.06 4.36
C ILE A 168 -5.74 -0.78 3.58
N SER A 169 -4.91 -1.80 3.42
CA SER A 169 -3.68 -1.64 2.64
C SER A 169 -3.96 -1.38 1.15
N ASP A 170 -4.99 -2.02 0.58
CA ASP A 170 -5.33 -1.74 -0.81
C ASP A 170 -5.94 -0.34 -0.99
N ILE A 171 -6.79 0.07 -0.03
CA ILE A 171 -7.42 1.37 -0.07
C ILE A 171 -6.38 2.48 -0.01
N PHE A 172 -5.52 2.44 1.01
CA PHE A 172 -4.50 3.48 1.12
C PHE A 172 -3.41 3.35 0.04
N GLY A 173 -3.11 2.13 -0.41
CA GLY A 173 -2.22 1.98 -1.54
C GLY A 173 -2.76 2.75 -2.75
N THR A 174 -4.05 2.60 -2.99
CA THR A 174 -4.71 3.29 -4.09
C THR A 174 -4.78 4.80 -3.86
N LEU A 175 -5.08 5.22 -2.65
CA LEU A 175 -5.14 6.65 -2.38
C LEU A 175 -3.77 7.31 -2.54
N VAL A 176 -2.71 6.60 -2.17
CA VAL A 176 -1.36 7.13 -2.39
C VAL A 176 -1.06 7.19 -3.89
N GLU A 177 -1.50 6.17 -4.63
CA GLU A 177 -1.32 6.19 -6.09
C GLU A 177 -2.02 7.41 -6.69
N PHE A 178 -3.23 7.72 -6.24
CA PHE A 178 -3.91 8.92 -6.71
C PHE A 178 -3.19 10.20 -6.27
N TYR A 179 -2.65 10.20 -5.05
CA TYR A 179 -1.91 11.34 -4.52
C TYR A 179 -0.71 11.68 -5.41
N ALA A 180 0.03 10.67 -5.84
CA ALA A 180 1.17 10.88 -6.75
C ALA A 180 0.68 11.26 -8.14
N ASN A 181 -0.51 10.79 -8.50
CA ASN A 181 -1.20 11.18 -9.74
C ASN A 181 -0.49 10.81 -11.04
N LYS A 182 0.15 9.65 -11.04
CA LYS A 182 0.69 9.08 -12.28
C LYS A 182 -0.05 7.78 -12.61
N ASN A 183 -0.79 7.80 -13.71
CA ASN A 183 -1.64 6.69 -14.11
C ASN A 183 -2.45 6.06 -12.98
N PRO A 184 -3.18 6.89 -12.19
CA PRO A 184 -3.87 6.29 -11.05
C PRO A 184 -5.10 5.51 -11.49
N ASP A 185 -5.46 4.50 -10.71
CA ASP A 185 -6.61 3.66 -10.97
C ASP A 185 -7.02 2.99 -9.69
N TRP A 186 -8.07 2.18 -9.76
CA TRP A 186 -8.57 1.42 -8.63
C TRP A 186 -8.21 -0.06 -8.76
N GLU A 187 -7.10 -0.33 -9.45
CA GLU A 187 -6.55 -1.67 -9.59
C GLU A 187 -5.33 -1.77 -8.68
N ILE A 188 -4.96 -2.99 -8.31
CA ILE A 188 -3.82 -3.20 -7.43
C ILE A 188 -2.69 -3.94 -8.14
N GLY A 189 -1.52 -3.30 -8.19
CA GLY A 189 -0.31 -3.97 -8.66
C GLY A 189 -0.12 -4.01 -10.16
N GLU A 190 -0.97 -3.30 -10.90
CA GLU A 190 -0.92 -3.35 -12.36
C GLU A 190 0.44 -3.00 -12.97
N ASP A 191 1.23 -2.16 -12.29
CA ASP A 191 2.50 -1.72 -12.86
C ASP A 191 3.59 -2.79 -12.82
N VAL A 192 3.42 -3.79 -11.95
CA VAL A 192 4.46 -4.80 -11.78
C VAL A 192 3.98 -6.23 -12.01
N TYR A 193 2.68 -6.39 -12.27
CA TYR A 193 2.09 -7.71 -12.45
C TYR A 193 2.11 -8.14 -13.92
N THR A 194 2.51 -9.39 -14.14
CA THR A 194 2.44 -10.06 -15.46
C THR A 194 2.89 -9.18 -16.62
N PRO A 195 4.20 -8.96 -16.75
CA PRO A 195 4.70 -8.08 -17.81
C PRO A 195 4.31 -8.55 -19.21
N GLY A 196 3.99 -9.83 -19.38
CA GLY A 196 3.58 -10.33 -20.68
C GLY A 196 2.10 -10.17 -21.00
N ILE A 197 1.34 -9.63 -20.06
CA ILE A 197 -0.09 -9.44 -20.25
C ILE A 197 -0.48 -8.01 -19.93
N SER A 198 -1.00 -7.29 -20.91
N SER A 198 -1.00 -7.29 -20.92
CA SER A 198 -1.39 -5.89 -20.72
CA SER A 198 -1.41 -5.92 -20.72
C SER A 198 -2.83 -5.74 -20.26
C SER A 198 -2.82 -5.83 -20.15
N GLY A 199 -3.07 -4.79 -19.36
CA GLY A 199 -4.42 -4.48 -18.93
C GLY A 199 -4.97 -5.24 -17.75
N ASP A 200 -4.16 -6.10 -17.16
CA ASP A 200 -4.61 -6.85 -15.99
C ASP A 200 -3.99 -6.30 -14.70
N SER A 201 -4.33 -6.94 -13.58
N SER A 201 -4.28 -6.95 -13.58
CA SER A 201 -3.90 -6.50 -12.27
CA SER A 201 -3.75 -6.54 -12.29
C SER A 201 -3.95 -7.70 -11.33
C SER A 201 -3.96 -7.68 -11.32
N LEU A 202 -3.40 -7.55 -10.12
CA LEU A 202 -3.48 -8.59 -9.13
C LEU A 202 -4.89 -8.64 -8.52
N ARG A 203 -5.41 -7.47 -8.16
CA ARG A 203 -6.78 -7.31 -7.68
C ARG A 203 -7.39 -6.09 -8.34
N SER A 204 -8.72 -6.05 -8.34
CA SER A 204 -9.45 -4.86 -8.75
C SER A 204 -10.35 -4.45 -7.59
N MET A 205 -10.32 -3.16 -7.24
CA MET A 205 -11.26 -2.65 -6.24
C MET A 205 -12.60 -2.30 -6.87
N SER A 206 -12.56 -1.85 -8.12
CA SER A 206 -13.77 -1.43 -8.81
C SER A 206 -14.62 -2.63 -9.21
N ASP A 207 -13.97 -3.75 -9.51
CA ASP A 207 -14.69 -4.96 -9.88
C ASP A 207 -13.87 -6.17 -9.41
N PRO A 208 -13.92 -6.48 -8.10
CA PRO A 208 -13.08 -7.57 -7.57
C PRO A 208 -13.34 -8.90 -8.26
N ALA A 209 -14.56 -9.11 -8.75
CA ALA A 209 -14.93 -10.38 -9.34
C ALA A 209 -14.21 -10.66 -10.65
N LYS A 210 -13.61 -9.65 -11.26
CA LYS A 210 -12.91 -9.88 -12.51
C LYS A 210 -11.72 -10.83 -12.31
N TYR A 211 -11.21 -10.92 -11.07
CA TYR A 211 -10.15 -11.86 -10.74
C TYR A 211 -10.63 -12.92 -9.76
N GLY A 212 -11.94 -13.09 -9.69
CA GLY A 212 -12.53 -14.13 -8.86
C GLY A 212 -12.66 -13.81 -7.38
N ASP A 213 -12.41 -12.56 -7.01
CA ASP A 213 -12.60 -12.17 -5.62
C ASP A 213 -14.05 -11.72 -5.39
N PRO A 214 -14.59 -12.01 -4.20
CA PRO A 214 -15.99 -11.68 -3.93
C PRO A 214 -16.24 -10.18 -3.87
N ASP A 215 -17.43 -9.79 -4.32
CA ASP A 215 -17.88 -8.41 -4.28
C ASP A 215 -19.19 -8.28 -3.50
N HIS A 216 -19.48 -9.29 -2.70
CA HIS A 216 -20.67 -9.32 -1.86
C HIS A 216 -20.43 -10.33 -0.75
N TYR A 217 -20.92 -10.01 0.45
CA TYR A 217 -20.71 -10.86 1.62
C TYR A 217 -21.21 -12.29 1.43
N SER A 218 -22.26 -12.46 0.61
CA SER A 218 -22.80 -13.78 0.35
C SER A 218 -21.85 -14.66 -0.46
N LYS A 219 -20.79 -14.06 -1.02
CA LYS A 219 -19.80 -14.79 -1.81
C LYS A 219 -18.48 -14.93 -1.08
N ARG A 220 -18.46 -14.63 0.21
CA ARG A 220 -17.23 -14.69 0.99
C ARG A 220 -16.67 -16.11 1.05
N TYR A 221 -15.34 -16.18 1.10
CA TYR A 221 -14.63 -17.43 1.27
C TYR A 221 -14.55 -17.78 2.75
N THR A 222 -14.83 -19.03 3.08
CA THR A 222 -14.87 -19.43 4.49
C THR A 222 -13.91 -20.59 4.78
N GLY A 223 -13.03 -20.91 3.84
CA GLY A 223 -12.04 -21.96 4.01
C GLY A 223 -10.80 -21.46 4.73
N THR A 224 -9.75 -22.28 4.73
CA THR A 224 -8.58 -21.97 5.54
C THR A 224 -7.37 -21.45 4.76
N GLN A 225 -7.42 -21.54 3.43
N GLN A 225 -7.40 -21.54 3.44
CA GLN A 225 -6.33 -21.02 2.58
CA GLN A 225 -6.28 -21.05 2.63
C GLN A 225 -6.14 -19.54 2.82
C GLN A 225 -6.13 -19.55 2.81
N ASP A 226 -4.90 -19.06 2.64
CA ASP A 226 -4.62 -17.62 2.65
C ASP A 226 -5.11 -16.98 3.96
N ASN A 227 -4.83 -17.66 5.08
CA ASN A 227 -5.23 -17.17 6.40
C ASN A 227 -6.74 -16.90 6.47
N GLY A 228 -7.52 -17.80 5.89
CA GLY A 228 -8.96 -17.61 5.84
C GLY A 228 -9.39 -16.60 4.79
N GLY A 229 -8.61 -16.50 3.70
CA GLY A 229 -8.98 -15.67 2.57
C GLY A 229 -8.73 -14.19 2.69
N VAL A 230 -7.67 -13.78 3.40
CA VAL A 230 -7.48 -12.34 3.62
C VAL A 230 -7.29 -11.54 2.33
N HIS A 231 -6.67 -12.14 1.30
CA HIS A 231 -6.48 -11.47 0.02
C HIS A 231 -7.63 -11.69 -0.95
N ILE A 232 -8.64 -12.44 -0.49
CA ILE A 232 -9.80 -12.80 -1.29
C ILE A 232 -10.99 -11.99 -0.79
N ASN A 233 -11.34 -12.17 0.49
CA ASN A 233 -12.45 -11.44 1.09
C ASN A 233 -12.21 -9.94 1.21
N SER A 234 -10.97 -9.49 1.04
CA SER A 234 -10.70 -8.06 0.97
C SER A 234 -11.51 -7.42 -0.17
N GLY A 235 -11.88 -8.20 -1.19
CA GLY A 235 -12.66 -7.68 -2.29
C GLY A 235 -13.99 -7.08 -1.86
N ILE A 236 -14.60 -7.64 -0.81
CA ILE A 236 -15.88 -7.16 -0.34
C ILE A 236 -15.76 -5.75 0.22
N ILE A 237 -14.70 -5.52 0.99
CA ILE A 237 -14.44 -4.21 1.56
C ILE A 237 -13.87 -3.23 0.53
N ASN A 238 -13.00 -3.73 -0.34
CA ASN A 238 -12.50 -2.90 -1.44
C ASN A 238 -13.64 -2.36 -2.31
N LYS A 239 -14.61 -3.22 -2.60
CA LYS A 239 -15.75 -2.80 -3.38
C LYS A 239 -16.57 -1.75 -2.64
N ALA A 240 -16.78 -1.94 -1.33
CA ALA A 240 -17.50 -0.94 -0.55
C ALA A 240 -16.77 0.41 -0.58
N ALA A 241 -15.46 0.38 -0.42
CA ALA A 241 -14.67 1.62 -0.44
C ALA A 241 -14.75 2.31 -1.80
N TYR A 242 -14.60 1.53 -2.87
CA TYR A 242 -14.76 2.04 -4.23
C TYR A 242 -16.11 2.72 -4.41
N LEU A 243 -17.18 2.06 -3.93
CA LEU A 243 -18.51 2.62 -4.07
C LEU A 243 -18.68 3.92 -3.27
N ILE A 244 -18.15 3.97 -2.06
CA ILE A 244 -18.21 5.19 -1.26
C ILE A 244 -17.58 6.36 -2.02
N SER A 245 -16.43 6.12 -2.61
CA SER A 245 -15.73 7.16 -3.34
C SER A 245 -16.39 7.51 -4.67
N GLN A 246 -16.63 6.49 -5.50
CA GLN A 246 -16.98 6.69 -6.89
C GLN A 246 -18.47 6.54 -7.20
N GLY A 247 -19.21 5.94 -6.28
CA GLY A 247 -20.61 5.66 -6.50
C GLY A 247 -20.84 4.50 -7.45
N GLY A 248 -22.11 4.15 -7.62
CA GLY A 248 -22.51 3.12 -8.56
C GLY A 248 -23.73 2.39 -8.06
N THR A 249 -24.29 1.53 -8.90
CA THR A 249 -25.37 0.66 -8.48
C THR A 249 -24.89 -0.77 -8.58
N HIS A 250 -24.94 -1.47 -7.45
CA HIS A 250 -24.29 -2.77 -7.32
C HIS A 250 -25.29 -3.72 -6.68
N TYR A 251 -25.59 -4.81 -7.38
CA TYR A 251 -26.68 -5.72 -7.00
C TYR A 251 -27.97 -4.95 -6.71
N GLY A 252 -28.23 -3.93 -7.53
CA GLY A 252 -29.45 -3.16 -7.43
C GLY A 252 -29.46 -2.05 -6.39
N VAL A 253 -28.37 -1.91 -5.63
CA VAL A 253 -28.30 -0.91 -4.57
C VAL A 253 -27.45 0.27 -5.04
N SER A 254 -28.06 1.46 -5.07
CA SER A 254 -27.38 2.65 -5.58
C SER A 254 -26.63 3.38 -4.47
N VAL A 255 -25.40 3.77 -4.79
CA VAL A 255 -24.56 4.49 -3.85
C VAL A 255 -24.17 5.82 -4.46
N VAL A 256 -24.36 6.91 -3.72
CA VAL A 256 -23.93 8.21 -4.17
C VAL A 256 -22.46 8.43 -3.77
N GLY A 257 -21.58 8.61 -4.74
CA GLY A 257 -20.17 8.77 -4.45
C GLY A 257 -19.85 10.09 -3.76
N ILE A 258 -18.87 10.08 -2.87
CA ILE A 258 -18.48 11.28 -2.14
C ILE A 258 -17.02 11.69 -2.40
N GLY A 259 -16.31 10.88 -3.20
CA GLY A 259 -14.96 11.23 -3.58
C GLY A 259 -13.87 10.61 -2.72
N ARG A 260 -12.66 10.58 -3.25
N ARG A 260 -12.67 10.57 -3.28
CA ARG A 260 -11.58 9.84 -2.61
CA ARG A 260 -11.52 9.91 -2.66
C ARG A 260 -11.02 10.50 -1.35
C ARG A 260 -11.12 10.51 -1.33
N ASP A 261 -11.07 11.83 -1.28
CA ASP A 261 -10.56 12.50 -0.09
C ASP A 261 -11.42 12.16 1.12
N LYS A 262 -12.74 12.20 0.95
CA LYS A 262 -13.63 11.85 2.05
C LYS A 262 -13.57 10.37 2.40
N LEU A 263 -13.44 9.50 1.38
CA LEU A 263 -13.20 8.08 1.65
C LEU A 263 -11.97 7.93 2.57
N GLY A 264 -10.88 8.60 2.21
CA GLY A 264 -9.66 8.51 2.98
C GLY A 264 -9.83 9.00 4.40
N LYS A 265 -10.53 10.12 4.57
CA LYS A 265 -10.76 10.67 5.91
C LYS A 265 -11.57 9.69 6.77
N ILE A 266 -12.63 9.14 6.18
CA ILE A 266 -13.50 8.23 6.90
C ILE A 266 -12.75 6.97 7.32
N PHE A 267 -12.03 6.36 6.38
CA PHE A 267 -11.33 5.12 6.70
C PHE A 267 -10.11 5.35 7.59
N TYR A 268 -9.43 6.49 7.45
CA TYR A 268 -8.32 6.76 8.35
C TYR A 268 -8.83 6.90 9.79
N ARG A 269 -9.94 7.60 9.96
CA ARG A 269 -10.50 7.76 11.29
C ARG A 269 -10.99 6.43 11.84
N ALA A 270 -11.63 5.62 10.99
CA ALA A 270 -12.07 4.30 11.45
C ALA A 270 -10.88 3.46 11.93
N LEU A 271 -9.82 3.47 11.13
CA LEU A 271 -8.62 2.69 11.41
C LEU A 271 -7.98 3.09 12.73
N THR A 272 -7.94 4.39 12.99
CA THR A 272 -7.17 4.92 14.11
C THR A 272 -7.97 5.18 15.38
N GLN A 273 -9.29 5.26 15.27
N GLN A 273 -9.29 5.25 15.27
CA GLN A 273 -10.12 5.58 16.43
CA GLN A 273 -10.12 5.60 16.44
C GLN A 273 -11.07 4.46 16.85
C GLN A 273 -11.25 4.62 16.76
N TYR A 274 -11.50 3.64 15.90
CA TYR A 274 -12.61 2.71 16.15
C TYR A 274 -12.31 1.22 15.99
N LEU A 275 -11.54 0.85 14.97
CA LEU A 275 -11.26 -0.57 14.74
C LEU A 275 -10.35 -1.14 15.83
N THR A 276 -10.50 -2.43 16.09
CA THR A 276 -9.71 -3.13 17.09
C THR A 276 -9.12 -4.39 16.45
N PRO A 277 -8.27 -5.13 17.18
CA PRO A 277 -7.64 -6.28 16.53
C PRO A 277 -8.63 -7.32 16.02
N THR A 278 -9.80 -7.41 16.64
CA THR A 278 -10.75 -8.46 16.31
C THR A 278 -11.96 -7.97 15.48
N SER A 279 -11.93 -6.73 15.01
CA SER A 279 -13.08 -6.20 14.27
C SER A 279 -13.47 -7.08 13.09
N ASN A 280 -14.76 -7.35 12.96
CA ASN A 280 -15.29 -8.03 11.78
C ASN A 280 -15.92 -7.04 10.80
N PHE A 281 -16.47 -7.53 9.71
CA PHE A 281 -17.00 -6.63 8.68
C PHE A 281 -18.14 -5.76 9.21
N SER A 282 -19.03 -6.34 10.00
CA SER A 282 -20.16 -5.60 10.57
C SER A 282 -19.64 -4.47 11.48
N GLN A 283 -18.59 -4.77 12.23
CA GLN A 283 -17.97 -3.78 13.10
C GLN A 283 -17.25 -2.70 12.29
N LEU A 284 -16.68 -3.06 11.15
CA LEU A 284 -16.11 -2.06 10.26
C LEU A 284 -17.20 -1.11 9.75
N ARG A 285 -18.35 -1.65 9.35
CA ARG A 285 -19.45 -0.81 8.91
C ARG A 285 -19.79 0.20 10.00
N ALA A 286 -19.92 -0.28 11.23
CA ALA A 286 -20.28 0.61 12.34
C ALA A 286 -19.18 1.66 12.56
N ALA A 287 -17.93 1.26 12.47
CA ALA A 287 -16.81 2.18 12.64
C ALA A 287 -16.80 3.26 11.55
N ALA A 288 -17.07 2.87 10.31
CA ALA A 288 -17.12 3.81 9.20
C ALA A 288 -18.30 4.77 9.33
N VAL A 289 -19.45 4.26 9.73
CA VAL A 289 -20.62 5.10 9.95
C VAL A 289 -20.34 6.12 11.06
N GLN A 290 -19.72 5.67 12.14
CA GLN A 290 -19.43 6.58 13.25
C GLN A 290 -18.40 7.62 12.83
N SER A 291 -17.39 7.18 12.07
CA SER A 291 -16.35 8.09 11.60
C SER A 291 -16.94 9.18 10.70
N ALA A 292 -17.79 8.78 9.77
CA ALA A 292 -18.45 9.74 8.89
C ALA A 292 -19.36 10.68 9.68
N THR A 293 -20.00 10.16 10.71
CA THR A 293 -20.85 10.97 11.58
C THR A 293 -20.00 12.03 12.29
N ASP A 294 -18.86 11.61 12.84
CA ASP A 294 -17.95 12.55 13.51
C ASP A 294 -17.51 13.67 12.58
N LEU A 295 -17.17 13.30 11.35
CA LEU A 295 -16.57 14.24 10.41
C LEU A 295 -17.58 15.13 9.71
N TYR A 296 -18.77 14.61 9.43
CA TYR A 296 -19.71 15.27 8.52
C TYR A 296 -21.12 15.46 9.07
N GLY A 297 -21.43 14.78 10.16
CA GLY A 297 -22.74 14.92 10.78
C GLY A 297 -23.67 13.76 10.46
N SER A 298 -24.54 13.43 11.40
CA SER A 298 -25.43 12.28 11.26
C SER A 298 -26.36 12.35 10.05
N THR A 299 -26.76 13.56 9.66
CA THR A 299 -27.71 13.72 8.57
C THR A 299 -27.02 13.93 7.22
N SER A 300 -25.70 13.75 7.19
CA SER A 300 -24.93 14.07 6.00
C SER A 300 -25.07 13.05 4.88
N GLN A 301 -24.82 13.52 3.67
CA GLN A 301 -24.69 12.62 2.53
C GLN A 301 -23.60 11.57 2.77
N GLU A 302 -22.51 11.98 3.40
CA GLU A 302 -21.38 11.08 3.61
C GLU A 302 -21.79 9.86 4.43
N VAL A 303 -22.52 10.09 5.51
CA VAL A 303 -23.03 8.98 6.32
C VAL A 303 -24.00 8.10 5.51
N ALA A 304 -24.92 8.73 4.79
CA ALA A 304 -25.86 7.97 3.98
C ALA A 304 -25.15 7.09 2.95
N SER A 305 -24.09 7.63 2.35
CA SER A 305 -23.34 6.89 1.33
C SER A 305 -22.55 5.71 1.91
N VAL A 306 -22.00 5.89 3.11
CA VAL A 306 -21.33 4.78 3.77
C VAL A 306 -22.32 3.63 3.99
N LYS A 307 -23.52 3.95 4.47
CA LYS A 307 -24.54 2.94 4.69
C LYS A 307 -24.94 2.24 3.38
N GLN A 308 -25.13 3.02 2.33
CA GLN A 308 -25.50 2.49 1.03
C GLN A 308 -24.45 1.51 0.51
N ALA A 309 -23.19 1.89 0.65
CA ALA A 309 -22.09 1.06 0.15
C ALA A 309 -22.01 -0.28 0.87
N PHE A 310 -22.11 -0.26 2.19
CA PHE A 310 -22.09 -1.51 2.95
C PHE A 310 -23.35 -2.34 2.65
N ASP A 311 -24.51 -1.69 2.50
CA ASP A 311 -25.71 -2.39 2.06
C ASP A 311 -25.46 -3.10 0.73
N ALA A 312 -24.83 -2.39 -0.21
CA ALA A 312 -24.60 -2.93 -1.55
C ALA A 312 -23.75 -4.20 -1.54
N VAL A 313 -22.80 -4.29 -0.60
CA VAL A 313 -21.97 -5.49 -0.52
C VAL A 313 -22.47 -6.48 0.54
N GLY A 314 -23.68 -6.26 1.05
CA GLY A 314 -24.32 -7.23 1.93
C GLY A 314 -23.78 -7.28 3.35
N VAL A 315 -23.19 -6.18 3.82
CA VAL A 315 -22.67 -6.10 5.18
C VAL A 315 -23.54 -5.20 6.04
N LYS A 316 -24.17 -5.79 7.06
CA LYS A 316 -25.06 -5.05 7.95
C LYS A 316 -24.41 -4.79 9.30
CA CA B . -3.05 0.77 -8.99
CA CA C . 26.13 4.46 -9.13
CA CA D . -1.86 2.79 -11.95
CA CA E . 0.27 -7.34 -16.60
ZN ZN F . -1.15 -7.01 2.29
C1 GOL G . 0.88 -9.34 7.90
O1 GOL G . -0.07 -8.34 8.23
C2 GOL G . 2.04 -8.78 7.12
O2 GOL G . 2.70 -7.79 7.87
C3 GOL G . 1.59 -8.23 5.77
O3 GOL G . 2.70 -7.89 4.98
S DMS H . 22.63 12.33 8.79
O DMS H . 23.83 12.49 9.68
C1 DMS H . 21.32 11.56 9.78
C2 DMS H . 21.90 13.97 8.55
C1 GOL I . 5.92 -16.18 -1.83
O1 GOL I . 4.63 -15.68 -1.58
C2 GOL I . 6.11 -16.23 -3.35
O2 GOL I . 5.15 -17.09 -3.90
C3 GOL I . 7.50 -16.75 -3.70
O3 GOL I . 7.69 -16.56 -5.08
S DMS J . 1.04 13.18 17.34
O DMS J . 0.76 12.67 18.72
C1 DMS J . 0.43 14.90 17.29
C2 DMS J . 2.81 13.52 17.22
S DMS K . 5.12 -14.67 3.58
O DMS K . 5.55 -16.10 3.47
C1 DMS K . 6.56 -13.66 4.03
C2 DMS K . 4.85 -14.00 1.91
S DMS L . -26.61 -11.40 -3.13
O DMS L . -27.78 -12.32 -2.99
C1 DMS L . -25.63 -11.95 -4.56
C2 DMS L . -27.23 -9.85 -3.81
C4 2H0 M . 2.36 -12.77 5.99
C5 2H0 M . 3.31 -12.29 7.10
C6 2H0 M . 4.65 -12.00 6.83
C7 2H0 M . 5.51 -11.57 7.84
C8 2H0 M . 5.02 -11.43 9.15
C9 2H0 M . 3.68 -11.72 9.44
C10 2H0 M . 2.83 -12.16 8.41
C3 2H0 M . 1.89 -11.57 3.95
C3 2H0 M . 2.17 -11.44 4.00
O21 2H0 M . 1.64 -12.59 3.34
O21 2H0 M . 3.25 -11.92 3.66
O4 2H0 M . 1.74 -11.67 5.29
O4 2H0 M . 1.80 -11.66 5.27
N2 2H0 M . 2.02 -10.38 3.33
N2 2H0 M . 1.45 -10.60 3.22
C22 2H0 M . 1.89 -10.28 1.88
P 2H0 M . 1.25 -8.62 1.48
O2 2H0 M . 1.90 -7.60 2.34
O3 2H0 M . -0.25 -8.61 1.55
N 2H0 M . 1.78 -8.47 -0.25
C2 2H0 M . 0.74 -8.04 -1.19
C21 2H0 M . -0.19 -9.16 -1.59
O1 2H0 M . -1.34 -8.91 -1.93
C23 2H0 M . 1.54 -7.56 -2.42
C24 2H0 M . 0.69 -6.96 -3.54
C25 2H0 M . 1.54 -6.87 -4.84
C26 2H0 M . 0.10 -5.58 -3.15
C31 2H0 M . 1.75 -10.99 -4.41
C31 2H0 M . 0.11 -13.57 -5.38
C29 2H0 M . 0.84 -12.21 -4.10
C29 2H0 M . -0.43 -13.32 -3.94
C30 2H0 M . 0.65 -13.06 -5.39
C30 2H0 M . -1.99 -13.36 -3.97
C28 2H0 M . -0.51 -11.71 -3.49
C28 2H0 M . 0.12 -11.99 -3.37
C27 2H0 M . -0.50 -11.56 -1.95
C27 2H0 M . -0.42 -11.59 -1.98
N21 2H0 M . 0.33 -10.41 -1.57
#